data_6CC1
#
_entry.id   6CC1
#
_cell.length_a   73.089
_cell.length_b   73.089
_cell.length_c   117.082
_cell.angle_alpha   90.00
_cell.angle_beta   90.00
_cell.angle_gamma   120.00
#
_symmetry.space_group_name_H-M   'P 31'
#
loop_
_entity.id
_entity.type
_entity.pdbx_description
1 polymer 'RNA (94-MER)'
2 non-polymer 'CADMIUM ION'
3 non-polymer 'BARIUM ION'
4 non-polymer 'MAGNESIUM ION'
5 non-polymer "GUANOSINE-5'-TRIPHOSPHATE"
6 water water
#
_entity_poly.entity_id   1
_entity_poly.type   'polyribonucleotide'
_entity_poly.pdbx_seq_one_letter_code
;GAAAGGGGAGUAGCGUCGGGAAACCGAAACAAAGUCGUCAUUACGUGAGGAAACUCACCGGCUUUGUUGACAUACGAAAG
UAUGUUUAGCAAGACCUUUCC
;
_entity_poly.pdbx_strand_id   A,B
#
loop_
_chem_comp.id
_chem_comp.type
_chem_comp.name
_chem_comp.formula
A RNA linking ADENOSINE-5'-MONOPHOSPHATE 'C10 H14 N5 O7 P'
BA non-polymer 'BARIUM ION' 'Ba 2'
C RNA linking CYTIDINE-5'-MONOPHOSPHATE 'C9 H14 N3 O8 P'
CD non-polymer 'CADMIUM ION' 'Cd 2'
G RNA linking GUANOSINE-5'-MONOPHOSPHATE 'C10 H14 N5 O8 P'
GTP non-polymer GUANOSINE-5'-TRIPHOSPHATE 'C10 H16 N5 O14 P3'
MG non-polymer 'MAGNESIUM ION' 'Mg 2'
U RNA linking URIDINE-5'-MONOPHOSPHATE 'C9 H13 N2 O9 P'
#
# COMPACT_ATOMS: atom_id res chain seq x y z
CD CD C . 1.40 -38.16 14.19
CD CD D . 3.22 -14.32 2.57
CD CD E . 2.63 -72.78 20.02
CD CD F . 20.81 -40.76 23.63
CD CD G . 19.36 -36.90 20.53
CD CD H . -15.89 -4.61 -5.59
CD CD I . 28.09 -48.90 17.63
CD CD J . -16.51 -10.01 -8.46
BA BA K . -8.29 -27.59 5.18
BA BA L . 4.87 -8.58 17.38
BA BA M . -3.03 -43.53 16.58
BA BA N . -9.65 -18.37 2.61
MG MG O . 0.67 -13.48 6.47
PG GTP P . 15.78 5.22 11.09
O1G GTP P . 16.91 5.66 10.20
O2G GTP P . 14.48 5.84 10.62
O3G GTP P . 15.66 3.72 11.08
O3B GTP P . 16.05 5.74 12.59
PB GTP P . 15.35 5.02 13.86
O1B GTP P . 15.96 5.61 15.10
O2B GTP P . 13.85 5.17 13.83
O3A GTP P . 15.78 3.48 13.83
PA GTP P . 17.31 3.08 14.13
O1A GTP P . 18.21 3.75 13.13
O2A GTP P . 17.46 1.58 14.10
O5' GTP P . 17.60 3.59 15.64
C5' GTP P . 17.17 2.78 16.72
C4' GTP P . 16.76 3.56 17.98
O4' GTP P . 16.18 4.81 17.72
C3' GTP P . 15.73 2.80 18.77
O3' GTP P . 16.34 1.95 19.71
C2' GTP P . 14.90 3.87 19.46
O2' GTP P . 15.26 3.94 20.81
C1' GTP P . 15.26 5.17 18.74
N9 GTP P . 14.11 5.85 18.13
C8 GTP P . 14.16 6.44 16.90
N7 GTP P . 12.98 7.01 16.60
C5 GTP P . 12.15 6.79 17.62
C6 GTP P . 10.83 7.17 17.81
O6 GTP P . 10.24 7.80 16.94
N1 GTP P . 10.18 6.82 18.97
C2 GTP P . 10.86 6.12 19.94
N2 GTP P . 10.23 5.79 21.06
N3 GTP P . 12.18 5.74 19.75
C4 GTP P . 12.83 6.07 18.60
PG GTP Q . -16.26 -5.77 -8.65
O1G GTP Q . -15.56 -4.49 -8.23
O2G GTP Q . -15.30 -6.92 -8.65
O3G GTP Q . -17.39 -6.09 -7.68
O3B GTP Q . -16.89 -5.55 -10.11
PB GTP Q . -16.45 -4.29 -10.99
O1B GTP Q . -14.98 -4.01 -10.82
O2B GTP Q . -17.26 -3.07 -10.63
O3A GTP Q . -16.74 -4.72 -12.51
PA GTP Q . -18.15 -5.35 -12.99
O1A GTP Q . -18.34 -5.02 -14.45
O2A GTP Q . -18.18 -6.86 -12.78
O5' GTP Q . -19.31 -4.63 -12.15
C5' GTP Q . -19.78 -3.37 -12.55
C4' GTP Q . -20.54 -2.70 -11.42
O4' GTP Q . -20.28 -3.32 -10.18
C3' GTP Q . -20.12 -1.25 -11.21
O3' GTP Q . -20.91 -0.37 -11.97
C2' GTP Q . -20.35 -1.02 -9.72
O2' GTP Q . -21.50 -0.23 -9.54
C1' GTP Q . -20.55 -2.40 -9.14
N9 GTP Q . -19.61 -2.60 -8.02
C8 GTP Q . -18.50 -3.38 -8.00
N7 GTP Q . -17.93 -3.28 -6.78
C5 GTP Q . -18.66 -2.48 -6.01
C6 GTP Q . -18.52 -2.05 -4.70
O6 GTP Q . -17.58 -2.44 -4.01
N1 GTP Q . -19.46 -1.20 -4.17
C2 GTP Q . -20.53 -0.77 -4.93
N2 GTP Q . -21.43 0.05 -4.40
N3 GTP Q . -20.65 -1.20 -6.24
C4 GTP Q . -19.74 -2.04 -6.77
CD CD R . -3.22 23.09 -43.07
CD CD S . 5.52 4.03 -11.25
CD CD T . 3.61 8.76 -8.75
CD CD U . -3.07 20.17 -39.00
CD CD V . 11.62 14.53 -4.12
CD CD W . 0.56 13.66 -21.08
CD CD X . 11.87 41.20 -49.33
CD CD Y . -8.84 10.72 -10.73
CD CD Z . 11.19 6.37 11.02
CD CD AA . -15.37 -0.48 -8.76
CD CD BA . 17.92 8.02 8.80
CD CD CA . -11.01 6.56 -9.06
CD CD DA . 12.35 49.87 -52.48
CD CD EA . 4.86 -0.93 -18.13
CD CD FA . 10.28 25.42 -24.26
BA BA GA . 14.07 20.15 -10.76
BA BA HA . 14.02 37.97 -32.36
BA BA IA . 8.98 26.95 -26.37
BA BA JA . 15.68 6.83 -14.15
#